data_3DLZ
#
_entry.id   3DLZ
#
_cell.length_a   73.315
_cell.length_b   49.729
_cell.length_c   98.009
_cell.angle_alpha   90.000
_cell.angle_beta   90.000
_cell.angle_gamma   90.000
#
_symmetry.space_group_name_H-M   'P 21 21 21'
#
loop_
_entity.id
_entity.type
_entity.pdbx_description
1 polymer 'Serine/threonine-protein kinase haspin'
2 non-polymer 'MAGNESIUM ION'
3 non-polymer 'ADENOSINE MONOPHOSPHATE'
4 non-polymer 1,2-ETHANEDIOL
5 water water
#
_entity_poly.entity_id   1
_entity_poly.type   'polypeptide(L)'
_entity_poly.pdbx_seq_one_letter_code
;MHHHHHHSSGVDLGTENLYFQSMGECSQKGPVPFSHCLPTEKLQRCEKIGEGVFGEVFQTIADHTPVAIKIIAIEGPDLV
NGSHQKTFEEILPEIIISKELSLLSGEVCNRTEGFIGLNSVHCVQGSYPPLLLKAWDHYNSTKGSANDRPDFFKDDQLFI
VLEFEFGGIDLEQMRTKLSSLATAKSILHQLTASLAVAEASLRFEHRDLHWGNVLLKKTSLKKLHYTLNGKSSTIPSCGL
QVSIIDYTLSRLERDGIVVFCDVSMDEDLFTGDGDYQFDIYRLMKKENNNRWGEYHPYSNVLWLHYLTDKMLKQMTFKTK
CNTPAMKQIKRKIQEFHRTMLNFSSATDLLCQHSLFK
;
_entity_poly.pdbx_strand_id   A
#
# COMPACT_ATOMS: atom_id res chain seq x y z
N LYS A 29 2.63 29.97 4.10
CA LYS A 29 2.09 30.66 5.31
C LYS A 29 0.86 29.93 5.85
N GLY A 30 0.97 28.64 6.18
CA GLY A 30 -0.20 27.78 6.53
C GLY A 30 -0.68 27.01 5.31
N PRO A 31 -2.01 26.74 5.19
CA PRO A 31 -2.51 25.96 4.05
C PRO A 31 -2.57 26.71 2.69
N VAL A 32 -2.84 25.97 1.60
CA VAL A 32 -3.10 26.55 0.27
C VAL A 32 -4.48 26.16 -0.23
N PRO A 33 -5.08 26.95 -1.13
CA PRO A 33 -6.33 26.57 -1.75
C PRO A 33 -6.18 25.33 -2.63
N PHE A 34 -7.27 24.61 -2.89
CA PHE A 34 -7.24 23.43 -3.76
C PHE A 34 -6.63 23.76 -5.14
N SER A 35 -6.94 24.92 -5.68
CA SER A 35 -6.46 25.34 -7.01
C SER A 35 -4.94 25.34 -7.12
N HIS A 36 -4.25 25.47 -6.00
CA HIS A 36 -2.81 25.33 -5.97
C HIS A 36 -2.30 23.93 -6.34
N CYS A 37 -2.99 22.90 -5.90
CA CYS A 37 -2.60 21.52 -6.21
C CYS A 37 -3.29 21.02 -7.46
N LEU A 38 -4.48 21.53 -7.68
CA LEU A 38 -5.31 21.07 -8.77
C LEU A 38 -5.82 22.24 -9.59
N PRO A 39 -4.94 22.86 -10.40
CA PRO A 39 -5.40 23.89 -11.38
C PRO A 39 -6.45 23.32 -12.37
N THR A 40 -7.19 24.22 -13.05
CA THR A 40 -8.33 23.83 -13.90
C THR A 40 -8.10 22.59 -14.74
N GLU A 41 -7.03 22.56 -15.51
CA GLU A 41 -6.82 21.43 -16.42
C GLU A 41 -6.65 20.08 -15.72
N LYS A 42 -5.85 20.09 -14.65
CA LYS A 42 -5.53 18.90 -13.86
C LYS A 42 -6.82 18.41 -13.17
N LEU A 43 -7.61 19.36 -12.70
CA LEU A 43 -8.88 19.07 -12.02
C LEU A 43 -9.91 18.45 -12.97
N GLN A 44 -10.00 19.03 -14.16
CA GLN A 44 -10.89 18.55 -15.21
C GLN A 44 -10.58 17.12 -15.61
N ARG A 45 -9.30 16.74 -15.53
CA ARG A 45 -8.85 15.37 -15.81
C ARG A 45 -8.95 14.36 -14.66
N CYS A 46 -9.33 14.79 -13.47
CA CYS A 46 -9.43 13.89 -12.35
C CYS A 46 -10.56 12.89 -12.57
N GLU A 47 -10.26 11.64 -12.21
CA GLU A 47 -11.22 10.58 -12.13
C GLU A 47 -10.93 9.88 -10.82
N LYS A 48 -11.98 9.50 -10.08
CA LYS A 48 -11.73 8.69 -8.87
C LYS A 48 -11.30 7.27 -9.22
N ILE A 49 -10.24 6.82 -8.57
CA ILE A 49 -9.74 5.47 -8.76
C ILE A 49 -9.72 4.62 -7.47
N GLY A 50 -9.91 5.20 -6.31
CA GLY A 50 -9.96 4.38 -5.10
C GLY A 50 -10.35 5.14 -3.87
N GLU A 51 -10.54 4.42 -2.77
CA GLU A 51 -10.96 5.03 -1.52
C GLU A 51 -10.56 4.18 -0.34
N GLY A 52 -10.78 4.76 0.85
CA GLY A 52 -10.76 4.08 2.14
C GLY A 52 -11.43 5.02 3.13
N VAL A 53 -11.46 4.65 4.41
CA VAL A 53 -12.04 5.51 5.44
C VAL A 53 -11.24 6.81 5.56
N PHE A 54 -9.93 6.73 5.32
CA PHE A 54 -9.03 7.91 5.30
C PHE A 54 -9.50 9.04 4.37
N GLY A 55 -10.17 8.66 3.28
CA GLY A 55 -10.52 9.60 2.22
C GLY A 55 -10.43 8.95 0.84
N GLU A 56 -9.92 9.72 -0.13
CA GLU A 56 -10.27 9.53 -1.53
C GLU A 56 -9.02 9.61 -2.43
N VAL A 57 -9.04 8.82 -3.50
CA VAL A 57 -7.90 8.77 -4.41
C VAL A 57 -8.35 9.01 -5.83
N PHE A 58 -7.69 9.96 -6.46
CA PHE A 58 -8.01 10.38 -7.81
C PHE A 58 -6.81 10.23 -8.71
N GLN A 59 -7.07 10.01 -10.01
CA GLN A 59 -6.00 9.93 -10.99
C GLN A 59 -6.16 11.15 -11.84
N THR A 60 -5.04 11.76 -12.20
CA THR A 60 -5.02 12.81 -13.21
C THR A 60 -3.67 12.69 -13.99
N ILE A 61 -3.26 13.76 -14.66
CA ILE A 61 -2.09 13.82 -15.51
C ILE A 61 -1.24 14.98 -15.06
N ALA A 62 0.05 14.69 -14.88
CA ALA A 62 1.08 15.72 -14.68
C ALA A 62 2.30 15.34 -15.52
N ASP A 63 2.87 16.30 -16.24
CA ASP A 63 4.02 16.04 -17.10
C ASP A 63 3.81 14.78 -18.00
N HIS A 64 2.70 14.80 -18.75
CA HIS A 64 2.40 13.77 -19.75
C HIS A 64 2.24 12.35 -19.16
N THR A 65 1.94 12.25 -17.87
CA THR A 65 2.05 10.98 -17.17
C THR A 65 0.95 10.91 -16.10
N PRO A 66 0.30 9.74 -15.95
CA PRO A 66 -0.67 9.60 -14.85
C PRO A 66 -0.04 9.82 -13.47
N VAL A 67 -0.83 10.41 -12.58
CA VAL A 67 -0.47 10.55 -11.19
C VAL A 67 -1.70 10.20 -10.37
N ALA A 68 -1.45 9.83 -9.12
CA ALA A 68 -2.47 9.43 -8.16
C ALA A 68 -2.45 10.51 -7.04
N ILE A 69 -3.63 11.01 -6.67
CA ILE A 69 -3.76 12.07 -5.65
C ILE A 69 -4.66 11.54 -4.51
N LYS A 70 -4.07 11.43 -3.31
CA LYS A 70 -4.73 10.95 -2.11
C LYS A 70 -5.10 12.21 -1.31
N ILE A 71 -6.39 12.35 -1.04
CA ILE A 71 -6.97 13.50 -0.32
C ILE A 71 -7.59 13.04 1.02
N ILE A 72 -6.99 13.52 2.10
CA ILE A 72 -7.32 13.14 3.49
C ILE A 72 -7.77 14.38 4.29
N ALA A 73 -9.01 14.38 4.74
CA ALA A 73 -9.60 15.42 5.60
C ALA A 73 -8.94 15.29 6.95
N ILE A 74 -8.42 16.39 7.49
CA ILE A 74 -7.79 16.39 8.82
C ILE A 74 -8.32 17.53 9.71
N GLU A 75 -8.24 17.30 11.02
CA GLU A 75 -8.31 18.40 12.02
C GLU A 75 -9.74 18.92 12.27
N GLY A 76 -10.73 18.34 11.61
CA GLY A 76 -12.10 18.80 11.71
C GLY A 76 -12.84 18.02 12.78
N PRO A 77 -13.84 18.65 13.42
CA PRO A 77 -14.56 17.93 14.48
C PRO A 77 -15.62 16.95 13.92
N ASP A 78 -15.97 17.07 12.65
CA ASP A 78 -17.04 16.25 12.08
C ASP A 78 -16.54 14.85 11.85
N LEU A 79 -17.39 13.85 12.13
CA LEU A 79 -17.05 12.47 11.77
C LEU A 79 -17.13 12.31 10.24
N VAL A 80 -16.11 11.65 9.67
CA VAL A 80 -15.98 11.44 8.24
C VAL A 80 -15.79 9.96 7.94
N ASN A 81 -16.65 9.43 7.07
CA ASN A 81 -16.72 7.98 6.78
C ASN A 81 -16.79 7.12 8.06
N GLY A 82 -17.46 7.67 9.10
CA GLY A 82 -17.63 6.99 10.38
C GLY A 82 -16.52 7.16 11.41
N SER A 83 -15.41 7.80 11.06
CA SER A 83 -14.27 7.95 11.96
C SER A 83 -13.97 9.42 12.20
N HIS A 84 -13.38 9.73 13.35
CA HIS A 84 -12.91 11.07 13.55
C HIS A 84 -11.86 11.31 12.50
N GLN A 85 -11.75 12.55 12.07
CA GLN A 85 -10.66 12.94 11.18
C GLN A 85 -9.37 12.87 11.97
N LYS A 86 -8.28 12.52 11.30
CA LYS A 86 -6.99 12.52 11.95
C LYS A 86 -6.60 13.96 12.24
N THR A 87 -5.74 14.13 13.23
CA THR A 87 -5.06 15.39 13.47
C THR A 87 -3.85 15.35 12.58
N PHE A 88 -3.21 16.49 12.40
CA PHE A 88 -1.99 16.49 11.66
C PHE A 88 -0.99 15.54 12.36
N GLU A 89 -1.05 15.47 13.69
CA GLU A 89 -0.13 14.61 14.43
C GLU A 89 -0.33 13.13 14.13
N GLU A 90 -1.58 12.70 13.95
CA GLU A 90 -1.87 11.34 13.58
C GLU A 90 -1.48 11.02 12.12
N ILE A 91 -1.50 12.04 11.25
CA ILE A 91 -1.19 11.83 9.80
C ILE A 91 0.30 11.93 9.49
N LEU A 92 1.02 12.63 10.36
CA LEU A 92 2.41 12.89 10.12
C LEU A 92 3.27 11.62 9.88
N PRO A 93 3.03 10.54 10.65
CA PRO A 93 3.79 9.30 10.38
C PRO A 93 3.64 8.80 8.92
N GLU A 94 2.43 8.85 8.35
CA GLU A 94 2.28 8.40 6.96
C GLU A 94 3.06 9.28 5.99
N ILE A 95 3.10 10.57 6.29
CA ILE A 95 3.80 11.54 5.44
C ILE A 95 5.30 11.30 5.49
N ILE A 96 5.83 11.20 6.70
CA ILE A 96 7.26 10.87 6.91
C ILE A 96 7.70 9.57 6.22
N ILE A 97 6.90 8.52 6.39
CA ILE A 97 7.25 7.17 5.94
C ILE A 97 7.13 7.14 4.41
N SER A 98 6.13 7.83 3.87
CA SER A 98 5.99 8.02 2.41
C SER A 98 7.22 8.68 1.76
N LYS A 99 7.78 9.68 2.43
CA LYS A 99 9.01 10.35 2.00
C LYS A 99 10.23 9.42 2.10
N GLU A 100 10.36 8.73 3.21
CA GLU A 100 11.49 7.79 3.39
C GLU A 100 11.47 6.67 2.38
N LEU A 101 10.31 6.03 2.24
CA LEU A 101 10.21 4.90 1.34
C LEU A 101 10.44 5.33 -0.12
N SER A 102 10.09 6.59 -0.45
CA SER A 102 10.28 7.15 -1.79
C SER A 102 11.79 7.27 -2.13
N LEU A 103 12.64 7.42 -1.13
CA LEU A 103 14.09 7.42 -1.31
C LEU A 103 14.74 6.08 -1.65
N LEU A 104 14.07 4.97 -1.35
CA LEU A 104 14.68 3.64 -1.52
C LEU A 104 15.04 3.30 -2.94
N SER A 105 14.42 3.98 -3.91
CA SER A 105 14.73 3.72 -5.33
C SER A 105 16.14 4.15 -5.72
N GLY A 106 16.77 5.02 -4.93
CA GLY A 106 18.10 5.54 -5.24
C GLY A 106 19.18 5.27 -4.19
N GLU A 107 18.79 4.81 -3.01
CA GLU A 107 19.76 4.56 -1.95
C GLU A 107 20.74 3.47 -2.37
N VAL A 108 21.98 3.48 -1.88
CA VAL A 108 23.01 2.59 -2.44
C VAL A 108 23.03 1.15 -1.85
N CYS A 109 23.05 1.07 -0.53
CA CYS A 109 23.23 -0.21 0.15
C CYS A 109 21.96 -1.11 0.09
N ASN A 110 20.81 -0.45 0.16
CA ASN A 110 19.52 -1.08 0.21
C ASN A 110 18.63 -0.29 -0.73
N ARG A 111 18.27 -0.94 -1.81
CA ARG A 111 17.59 -0.28 -2.91
C ARG A 111 16.48 -1.16 -3.50
N THR A 112 15.35 -0.54 -3.75
CA THR A 112 14.23 -1.16 -4.46
C THR A 112 13.29 -0.12 -5.04
N GLU A 113 12.66 -0.47 -6.16
CA GLU A 113 11.52 0.28 -6.72
C GLU A 113 10.16 -0.24 -6.25
N GLY A 114 10.15 -1.15 -5.28
CA GLY A 114 8.94 -1.86 -4.92
C GLY A 114 7.94 -1.13 -4.05
N PHE A 115 8.25 0.11 -3.66
CA PHE A 115 7.30 1.00 -2.95
C PHE A 115 6.71 1.98 -3.96
N ILE A 116 6.36 3.19 -3.54
CA ILE A 116 5.74 4.17 -4.48
C ILE A 116 6.48 5.52 -4.38
N GLY A 117 6.70 6.18 -5.52
CA GLY A 117 7.21 7.55 -5.56
C GLY A 117 6.27 8.60 -5.00
N LEU A 118 6.80 9.47 -4.13
CA LEU A 118 6.05 10.65 -3.68
C LEU A 118 6.52 11.92 -4.40
N ASN A 119 5.59 12.58 -5.07
CA ASN A 119 5.86 13.79 -5.83
C ASN A 119 5.84 15.04 -4.95
N SER A 120 4.84 15.13 -4.09
CA SER A 120 4.63 16.31 -3.24
C SER A 120 3.59 16.02 -2.14
N VAL A 121 3.65 16.83 -1.08
CA VAL A 121 2.63 16.86 -0.03
C VAL A 121 2.24 18.30 0.20
N HIS A 122 0.93 18.53 0.34
CA HIS A 122 0.36 19.85 0.61
C HIS A 122 -0.73 19.73 1.68
N CYS A 123 -0.84 20.79 2.48
CA CYS A 123 -2.01 21.05 3.31
C CYS A 123 -2.91 22.03 2.58
N VAL A 124 -4.10 21.57 2.24
CA VAL A 124 -5.05 22.37 1.46
C VAL A 124 -6.22 22.77 2.36
N GLN A 125 -6.83 23.92 2.11
CA GLN A 125 -8.03 24.33 2.84
C GLN A 125 -9.14 24.74 1.87
N GLY A 126 -10.35 24.25 2.10
CA GLY A 126 -11.51 24.66 1.31
C GLY A 126 -12.59 23.61 1.30
N SER A 127 -13.73 23.92 0.70
CA SER A 127 -14.74 22.90 0.44
C SER A 127 -14.27 22.04 -0.71
N TYR A 128 -14.90 20.89 -0.89
CA TYR A 128 -14.44 20.01 -1.94
C TYR A 128 -14.72 20.65 -3.27
N PRO A 129 -13.74 20.63 -4.19
CA PRO A 129 -14.02 21.17 -5.52
C PRO A 129 -15.19 20.45 -6.24
N PRO A 130 -16.10 21.22 -6.88
CA PRO A 130 -17.25 20.55 -7.53
C PRO A 130 -16.88 19.45 -8.54
N LEU A 131 -15.81 19.65 -9.31
CA LEU A 131 -15.32 18.65 -10.23
C LEU A 131 -14.92 17.36 -9.51
N LEU A 132 -14.32 17.47 -8.31
CA LEU A 132 -13.98 16.27 -7.54
C LEU A 132 -15.23 15.59 -7.01
N LEU A 133 -16.23 16.37 -6.58
CA LEU A 133 -17.54 15.82 -6.27
C LEU A 133 -18.18 15.04 -7.45
N LYS A 134 -18.12 15.59 -8.65
CA LYS A 134 -18.68 14.91 -9.83
C LYS A 134 -17.89 13.63 -10.12
N ALA A 135 -16.58 13.66 -9.94
CA ALA A 135 -15.77 12.46 -10.13
C ALA A 135 -16.12 11.38 -9.07
N TRP A 136 -16.30 11.82 -7.82
CA TRP A 136 -16.74 10.94 -6.73
C TRP A 136 -18.07 10.28 -7.09
N ASP A 137 -19.01 11.11 -7.54
CA ASP A 137 -20.35 10.65 -7.96
C ASP A 137 -20.25 9.63 -9.07
N HIS A 138 -19.41 9.89 -10.08
CA HIS A 138 -19.24 8.95 -11.22
C HIS A 138 -18.80 7.57 -10.75
N TYR A 139 -17.81 7.56 -9.83
CA TYR A 139 -17.31 6.32 -9.20
C TYR A 139 -18.40 5.59 -8.41
N ASN A 140 -19.13 6.35 -7.60
CA ASN A 140 -20.22 5.80 -6.80
C ASN A 140 -21.30 5.13 -7.69
N SER A 141 -21.61 5.72 -8.84
CA SER A 141 -22.51 5.08 -9.84
C SER A 141 -21.96 3.73 -10.35
N THR A 142 -20.74 3.78 -10.86
CA THR A 142 -20.13 2.64 -11.53
C THR A 142 -19.69 1.54 -10.54
N LYS A 143 -18.91 1.90 -9.52
CA LYS A 143 -18.33 0.92 -8.61
C LYS A 143 -19.01 0.85 -7.22
N GLY A 144 -19.67 1.92 -6.80
CA GLY A 144 -20.21 2.01 -5.44
C GLY A 144 -19.16 2.49 -4.46
N SER A 145 -19.60 3.09 -3.36
CA SER A 145 -18.69 3.69 -2.37
C SER A 145 -19.13 3.38 -0.96
N ALA A 146 -18.18 3.06 -0.08
CA ALA A 146 -18.45 2.97 1.38
C ALA A 146 -18.38 4.32 2.10
N ASN A 147 -18.01 5.38 1.39
CA ASN A 147 -17.80 6.67 2.05
C ASN A 147 -19.01 7.56 1.85
N ASP A 148 -19.07 8.61 2.66
CA ASP A 148 -20.07 9.65 2.54
C ASP A 148 -19.74 10.54 1.35
N ARG A 149 -20.75 10.94 0.59
CA ARG A 149 -20.55 11.89 -0.48
C ARG A 149 -19.90 13.16 0.12
N PRO A 150 -18.71 13.58 -0.41
CA PRO A 150 -17.93 14.68 0.20
C PRO A 150 -18.48 16.07 -0.10
N ASP A 151 -19.77 16.27 0.13
CA ASP A 151 -20.44 17.52 -0.25
C ASP A 151 -20.71 18.37 0.98
N PHE A 152 -20.23 17.91 2.14
CA PHE A 152 -20.50 18.54 3.44
C PHE A 152 -19.31 19.33 4.04
N PHE A 153 -18.17 19.34 3.35
CA PHE A 153 -16.99 20.05 3.84
C PHE A 153 -17.16 21.56 3.69
N LYS A 154 -16.81 22.27 4.76
CA LYS A 154 -16.91 23.74 4.79
C LYS A 154 -15.62 24.40 4.29
N ASP A 155 -15.70 25.70 3.96
CA ASP A 155 -14.60 26.51 3.41
C ASP A 155 -13.31 26.51 4.25
N ASP A 156 -13.44 26.23 5.54
CA ASP A 156 -12.31 26.17 6.45
C ASP A 156 -11.70 24.77 6.66
N GLN A 157 -12.26 23.73 6.05
CA GLN A 157 -11.78 22.36 6.21
C GLN A 157 -10.36 22.24 5.69
N LEU A 158 -9.53 21.54 6.48
CA LEU A 158 -8.19 21.15 6.09
C LEU A 158 -8.14 19.73 5.51
N PHE A 159 -7.26 19.54 4.54
CA PHE A 159 -6.95 18.25 3.89
C PHE A 159 -5.44 18.13 3.73
N ILE A 160 -4.94 16.92 3.82
CA ILE A 160 -3.57 16.62 3.33
C ILE A 160 -3.76 16.01 1.94
N VAL A 161 -3.00 16.53 1.00
CA VAL A 161 -3.04 16.11 -0.40
C VAL A 161 -1.65 15.53 -0.70
N LEU A 162 -1.61 14.23 -0.94
CA LEU A 162 -0.40 13.50 -1.25
C LEU A 162 -0.47 13.14 -2.73
N GLU A 163 0.49 13.66 -3.50
CA GLU A 163 0.58 13.34 -4.90
C GLU A 163 1.64 12.25 -5.11
N PHE A 164 1.19 11.10 -5.59
CA PHE A 164 2.06 9.92 -5.80
C PHE A 164 2.22 9.59 -7.29
N GLU A 165 3.38 8.98 -7.58
CA GLU A 165 3.55 8.14 -8.76
C GLU A 165 2.32 7.23 -8.94
N PHE A 166 1.85 7.13 -10.18
CA PHE A 166 0.76 6.20 -10.48
C PHE A 166 1.36 4.77 -10.56
N GLY A 167 0.88 3.89 -9.68
CA GLY A 167 1.45 2.56 -9.50
C GLY A 167 0.78 1.38 -10.18
N GLY A 168 -0.32 1.65 -10.86
CA GLY A 168 -1.02 0.61 -11.61
C GLY A 168 -2.30 0.27 -10.91
N ILE A 169 -2.75 -0.96 -11.10
CA ILE A 169 -4.03 -1.44 -10.62
C ILE A 169 -3.83 -2.33 -9.41
N ASP A 170 -4.65 -2.15 -8.39
CA ASP A 170 -4.53 -2.99 -7.18
C ASP A 170 -4.84 -4.48 -7.42
N LEU A 171 -4.15 -5.28 -6.63
CA LEU A 171 -4.29 -6.74 -6.65
C LEU A 171 -5.78 -7.29 -6.51
N GLU A 172 -6.59 -6.68 -5.63
CA GLU A 172 -8.01 -7.00 -5.52
C GLU A 172 -8.76 -6.79 -6.87
N GLN A 173 -8.50 -5.66 -7.52
CA GLN A 173 -9.08 -5.43 -8.85
C GLN A 173 -8.50 -6.36 -9.94
N MET A 174 -7.30 -6.87 -9.72
CA MET A 174 -6.66 -7.82 -10.63
C MET A 174 -6.93 -9.31 -10.33
N ARG A 175 -7.82 -9.60 -9.38
CA ARG A 175 -8.00 -10.97 -8.89
C ARG A 175 -8.43 -12.00 -9.94
N THR A 176 -8.98 -11.52 -11.08
CA THR A 176 -9.29 -12.42 -12.21
C THR A 176 -8.42 -12.18 -13.45
N LYS A 177 -7.39 -11.34 -13.32
CA LYS A 177 -6.67 -10.81 -14.46
C LYS A 177 -5.22 -11.26 -14.53
N LEU A 178 -4.69 -11.93 -13.51
CA LEU A 178 -3.31 -12.42 -13.59
C LEU A 178 -3.20 -13.55 -14.61
N SER A 179 -2.15 -13.52 -15.39
CA SER A 179 -1.95 -14.49 -16.47
C SER A 179 -1.82 -15.92 -16.02
N SER A 180 -0.88 -16.17 -15.11
CA SER A 180 -0.52 -17.53 -14.70
C SER A 180 -0.10 -17.63 -13.24
N LEU A 181 0.16 -18.87 -12.81
CA LEU A 181 0.76 -19.11 -11.54
C LEU A 181 2.17 -18.53 -11.42
N ALA A 182 2.91 -18.48 -12.53
CA ALA A 182 4.22 -17.82 -12.56
C ALA A 182 4.10 -16.32 -12.15
N THR A 183 2.99 -15.70 -12.54
CA THR A 183 2.73 -14.30 -12.18
C THR A 183 2.52 -14.16 -10.68
N ALA A 184 1.69 -15.04 -10.11
CA ALA A 184 1.51 -15.17 -8.65
C ALA A 184 2.84 -15.25 -7.88
N LYS A 185 3.67 -16.21 -8.26
CA LYS A 185 5.03 -16.38 -7.72
C LYS A 185 5.87 -15.11 -7.84
N SER A 186 5.90 -14.50 -9.03
CA SER A 186 6.62 -13.25 -9.23
C SER A 186 6.13 -12.16 -8.26
N ILE A 187 4.82 -12.02 -8.10
CA ILE A 187 4.28 -11.00 -7.23
C ILE A 187 4.73 -11.22 -5.79
N LEU A 188 4.62 -12.47 -5.31
CA LEU A 188 5.06 -12.81 -3.96
C LEU A 188 6.58 -12.55 -3.76
N HIS A 189 7.38 -12.86 -4.78
CA HIS A 189 8.82 -12.67 -4.71
C HIS A 189 9.16 -11.16 -4.59
N GLN A 190 8.56 -10.37 -5.45
CA GLN A 190 8.71 -8.93 -5.49
C GLN A 190 8.33 -8.31 -4.17
N LEU A 191 7.17 -8.71 -3.64
CA LEU A 191 6.68 -8.20 -2.36
C LEU A 191 7.66 -8.49 -1.21
N THR A 192 8.07 -9.74 -1.18
CA THR A 192 8.99 -10.19 -0.14
C THR A 192 10.34 -9.44 -0.20
N ALA A 193 10.89 -9.28 -1.40
CA ALA A 193 12.16 -8.59 -1.61
C ALA A 193 12.05 -7.12 -1.16
N SER A 194 10.98 -6.44 -1.57
CA SER A 194 10.73 -5.03 -1.19
C SER A 194 10.71 -4.83 0.31
N LEU A 195 9.91 -5.65 0.98
CA LEU A 195 9.82 -5.65 2.42
C LEU A 195 11.16 -5.98 3.06
N ALA A 196 11.91 -6.94 2.52
CA ALA A 196 13.23 -7.26 3.08
C ALA A 196 14.19 -6.04 3.00
N VAL A 197 14.17 -5.36 1.87
CA VAL A 197 15.05 -4.17 1.64
C VAL A 197 14.70 -3.08 2.68
N ALA A 198 13.40 -2.88 2.91
CA ALA A 198 12.95 -1.86 3.83
C ALA A 198 13.28 -2.24 5.29
N GLU A 199 13.14 -3.54 5.60
CA GLU A 199 13.61 -4.11 6.87
C GLU A 199 15.11 -3.84 7.12
N ALA A 200 15.94 -4.13 6.12
CA ALA A 200 17.40 -3.96 6.20
C ALA A 200 17.74 -2.46 6.33
N SER A 201 17.06 -1.61 5.59
CA SER A 201 17.41 -0.18 5.56
C SER A 201 16.84 0.62 6.74
N LEU A 202 15.59 0.32 7.10
CA LEU A 202 14.75 1.19 7.95
C LEU A 202 14.06 0.53 9.15
N ARG A 203 14.25 -0.78 9.34
CA ARG A 203 13.55 -1.58 10.32
C ARG A 203 12.03 -1.33 10.16
N PHE A 204 11.63 -1.38 8.89
CA PHE A 204 10.25 -1.16 8.45
C PHE A 204 9.29 -2.32 8.71
N GLU A 205 8.09 -1.96 9.17
CA GLU A 205 6.95 -2.84 9.09
C GLU A 205 5.86 -2.11 8.37
N HIS A 206 5.22 -2.75 7.39
CA HIS A 206 4.09 -2.11 6.70
C HIS A 206 2.80 -1.98 7.55
N ARG A 207 2.43 -3.09 8.17
CA ARG A 207 1.29 -3.26 9.13
C ARG A 207 -0.15 -3.14 8.60
N ASP A 208 -0.32 -2.95 7.30
CA ASP A 208 -1.66 -2.91 6.72
C ASP A 208 -1.67 -3.29 5.24
N LEU A 209 -0.95 -4.36 4.91
CA LEU A 209 -0.71 -4.70 3.51
C LEU A 209 -1.84 -5.61 2.96
N HIS A 210 -3.05 -5.09 3.09
CA HIS A 210 -4.18 -5.71 2.42
C HIS A 210 -4.00 -5.65 0.90
N TRP A 211 -4.78 -6.44 0.19
CA TRP A 211 -4.63 -6.50 -1.28
C TRP A 211 -5.06 -5.29 -2.08
N GLY A 212 -5.73 -4.34 -1.44
CA GLY A 212 -5.90 -3.00 -2.03
C GLY A 212 -4.59 -2.21 -2.11
N ASN A 213 -3.57 -2.65 -1.35
CA ASN A 213 -2.30 -1.91 -1.19
C ASN A 213 -1.11 -2.49 -1.94
N VAL A 214 -1.41 -3.42 -2.82
CA VAL A 214 -0.42 -4.03 -3.73
C VAL A 214 -0.84 -3.62 -5.10
N LEU A 215 -0.01 -2.82 -5.77
CA LEU A 215 -0.32 -2.32 -7.13
C LEU A 215 0.49 -3.05 -8.17
N LEU A 216 -0.16 -3.35 -9.30
CA LEU A 216 0.44 -4.02 -10.46
C LEU A 216 0.42 -3.10 -11.70
N LYS A 217 1.58 -2.97 -12.32
CA LYS A 217 1.76 -2.19 -13.53
C LYS A 217 2.59 -2.95 -14.56
N LYS A 218 2.14 -2.90 -15.81
CA LYS A 218 2.88 -3.61 -16.87
C LYS A 218 4.27 -3.01 -17.01
N THR A 219 5.26 -3.86 -17.22
CA THR A 219 6.60 -3.39 -17.46
C THR A 219 7.24 -4.14 -18.63
N SER A 220 8.09 -3.45 -19.39
CA SER A 220 8.85 -4.12 -20.43
C SER A 220 10.12 -4.73 -19.87
N LEU A 221 10.45 -4.48 -18.60
CA LEU A 221 11.61 -5.10 -17.98
C LEU A 221 11.37 -6.60 -17.77
N LYS A 222 12.38 -7.40 -18.10
CA LYS A 222 12.33 -8.85 -17.95
C LYS A 222 12.69 -9.25 -16.51
N LYS A 223 13.62 -8.51 -15.93
CA LYS A 223 14.16 -8.79 -14.61
C LYS A 223 14.07 -7.50 -13.80
N LEU A 224 13.68 -7.62 -12.56
CA LEU A 224 13.62 -6.46 -11.69
C LEU A 224 14.81 -6.53 -10.72
N HIS A 225 15.38 -5.37 -10.40
CA HIS A 225 16.60 -5.29 -9.60
C HIS A 225 16.30 -4.74 -8.20
N TYR A 226 16.93 -5.38 -7.21
CA TYR A 226 17.00 -4.81 -5.85
C TYR A 226 18.45 -5.08 -5.28
N THR A 227 18.82 -4.32 -4.27
CA THR A 227 20.11 -4.46 -3.56
C THR A 227 19.78 -4.60 -2.10
N LEU A 228 20.32 -5.66 -1.52
CA LEU A 228 20.06 -5.98 -0.12
C LEU A 228 21.41 -6.04 0.56
N ASN A 229 21.67 -5.06 1.42
CA ASN A 229 22.91 -4.97 2.17
C ASN A 229 24.11 -5.08 1.23
N GLY A 230 24.04 -4.28 0.17
CA GLY A 230 25.10 -4.18 -0.81
C GLY A 230 25.19 -5.27 -1.85
N LYS A 231 24.32 -6.27 -1.78
CA LYS A 231 24.29 -7.35 -2.75
C LYS A 231 23.09 -7.19 -3.71
N SER A 232 23.37 -7.03 -5.01
CA SER A 232 22.31 -6.87 -6.02
C SER A 232 21.85 -8.20 -6.59
N SER A 233 20.53 -8.35 -6.74
CA SER A 233 19.94 -9.56 -7.28
C SER A 233 18.86 -9.11 -8.20
N THR A 234 18.26 -10.06 -8.91
CA THR A 234 17.13 -9.78 -9.80
C THR A 234 16.00 -10.77 -9.59
N ILE A 235 14.84 -10.40 -10.10
CA ILE A 235 13.64 -11.18 -9.98
C ILE A 235 12.92 -11.14 -11.33
N PRO A 236 12.59 -12.32 -11.90
CA PRO A 236 11.78 -12.34 -13.13
C PRO A 236 10.46 -11.62 -12.92
N SER A 237 10.19 -10.63 -13.77
CA SER A 237 9.04 -9.73 -13.62
C SER A 237 7.70 -10.33 -14.00
N CYS A 238 7.74 -11.30 -14.93
CA CYS A 238 6.55 -11.82 -15.58
C CYS A 238 5.69 -10.69 -16.12
N GLY A 239 6.32 -9.61 -16.58
CA GLY A 239 5.60 -8.52 -17.20
C GLY A 239 5.04 -7.48 -16.28
N LEU A 240 5.19 -7.63 -14.96
CA LEU A 240 4.61 -6.68 -13.99
C LEU A 240 5.63 -6.14 -12.96
N GLN A 241 5.48 -4.85 -12.67
CA GLN A 241 6.10 -4.20 -11.55
C GLN A 241 5.09 -4.02 -10.40
N VAL A 242 5.43 -4.60 -9.25
CA VAL A 242 4.63 -4.50 -8.05
C VAL A 242 5.10 -3.28 -7.24
N SER A 243 4.13 -2.50 -6.77
CA SER A 243 4.36 -1.35 -5.90
C SER A 243 3.49 -1.47 -4.64
N ILE A 244 4.15 -1.43 -3.48
CA ILE A 244 3.48 -1.43 -2.16
C ILE A 244 3.14 0.01 -1.78
N ILE A 245 1.86 0.26 -1.49
CA ILE A 245 1.39 1.57 -1.06
C ILE A 245 0.76 1.55 0.33
N ASP A 246 0.45 2.76 0.78
CA ASP A 246 -0.37 3.07 1.97
C ASP A 246 0.30 2.82 3.31
N TYR A 247 0.94 3.85 3.84
CA TYR A 247 1.78 3.69 5.01
C TYR A 247 1.13 4.27 6.28
N THR A 248 -0.20 4.25 6.26
CA THR A 248 -1.03 4.77 7.34
C THR A 248 -0.71 4.10 8.71
N LEU A 249 -0.40 2.80 8.71
CA LEU A 249 -0.10 2.09 9.95
C LEU A 249 1.38 1.69 10.10
N SER A 250 2.21 2.09 9.15
CA SER A 250 3.59 1.64 9.08
C SER A 250 4.48 2.15 10.21
N ARG A 251 5.63 1.52 10.34
CA ARG A 251 6.61 1.82 11.39
C ARG A 251 7.99 1.66 10.80
N LEU A 252 8.89 2.59 11.13
CA LEU A 252 10.29 2.52 10.74
C LEU A 252 11.09 3.37 11.70
N GLU A 253 12.41 3.23 11.60
CA GLU A 253 13.33 4.09 12.33
C GLU A 253 14.14 4.92 11.36
N ARG A 254 14.30 6.20 11.69
CA ARG A 254 14.97 7.19 10.83
C ARG A 254 15.78 8.05 11.79
N ASP A 255 17.11 8.02 11.63
CA ASP A 255 18.01 8.82 12.49
C ASP A 255 17.78 8.46 13.96
N GLY A 256 17.61 7.17 14.24
CA GLY A 256 17.43 6.69 15.61
C GLY A 256 16.04 6.95 16.21
N ILE A 257 15.14 7.51 15.42
CA ILE A 257 13.81 7.87 15.93
C ILE A 257 12.80 6.92 15.30
N VAL A 258 11.92 6.37 16.12
CA VAL A 258 10.89 5.45 15.65
C VAL A 258 9.67 6.28 15.27
N VAL A 259 9.27 6.12 14.02
CA VAL A 259 8.14 6.80 13.42
C VAL A 259 7.07 5.73 13.20
N PHE A 260 5.91 5.93 13.81
CA PHE A 260 4.85 4.94 13.77
C PHE A 260 3.52 5.49 14.20
N CYS A 261 2.48 4.73 13.89
CA CYS A 261 1.12 4.99 14.30
C CYS A 261 0.79 4.21 15.55
N ASP A 262 0.62 4.92 16.66
CA ASP A 262 0.38 4.19 17.90
C ASP A 262 -1.08 3.80 17.99
N VAL A 263 -1.34 2.51 17.87
CA VAL A 263 -2.70 2.00 17.87
C VAL A 263 -2.96 1.23 19.17
N SER A 264 -2.16 1.48 20.20
CA SER A 264 -2.28 0.71 21.45
C SER A 264 -3.66 0.88 22.14
N MET A 265 -4.36 2.01 21.87
CA MET A 265 -5.70 2.25 22.43
C MET A 265 -6.84 2.15 21.41
N ASP A 266 -6.53 1.82 20.17
CA ASP A 266 -7.55 1.65 19.14
C ASP A 266 -8.22 0.32 19.49
N GLU A 267 -9.54 0.29 19.59
CA GLU A 267 -10.25 -0.96 19.87
C GLU A 267 -10.73 -1.58 18.57
N ASP A 268 -11.37 -0.74 17.77
CA ASP A 268 -12.06 -1.15 16.56
C ASP A 268 -11.14 -1.85 15.57
N LEU A 269 -9.88 -1.44 15.52
CA LEU A 269 -8.89 -2.06 14.59
C LEU A 269 -8.79 -3.57 14.78
N PHE A 270 -9.05 -4.03 16.01
CA PHE A 270 -8.86 -5.43 16.40
C PHE A 270 -10.14 -6.26 16.48
N THR A 271 -11.28 -5.67 16.08
CA THR A 271 -12.56 -6.34 16.26
C THR A 271 -13.29 -6.53 14.92
N GLY A 272 -12.55 -6.40 13.81
CA GLY A 272 -13.06 -6.68 12.49
C GLY A 272 -13.38 -8.14 12.26
N ASP A 273 -14.24 -8.41 11.30
CA ASP A 273 -14.44 -9.78 10.82
C ASP A 273 -14.84 -9.87 9.35
N GLY A 274 -15.00 -11.09 8.85
CA GLY A 274 -15.38 -11.34 7.46
C GLY A 274 -14.25 -11.60 6.47
N ASP A 275 -13.02 -11.46 6.91
CA ASP A 275 -11.84 -11.58 6.04
C ASP A 275 -10.64 -11.88 6.95
N TYR A 276 -9.72 -12.70 6.45
CA TYR A 276 -8.48 -12.97 7.15
C TYR A 276 -7.72 -11.65 7.46
N GLN A 277 -7.93 -10.62 6.62
CA GLN A 277 -7.32 -9.29 6.85
C GLN A 277 -7.46 -8.91 8.33
N PHE A 278 -8.66 -9.12 8.87
CA PHE A 278 -9.00 -8.64 10.23
C PHE A 278 -8.35 -9.45 11.35
N ASP A 279 -8.04 -10.70 11.03
CA ASP A 279 -7.21 -11.51 11.89
C ASP A 279 -5.77 -11.01 12.02
N ILE A 280 -5.23 -10.45 10.94
CA ILE A 280 -3.83 -10.02 10.92
C ILE A 280 -3.62 -8.92 11.94
N TYR A 281 -4.55 -7.96 12.07
CA TYR A 281 -4.44 -6.93 13.11
C TYR A 281 -4.34 -7.55 14.50
N ARG A 282 -5.17 -8.55 14.78
CA ARG A 282 -5.10 -9.27 16.08
C ARG A 282 -3.79 -10.06 16.24
N LEU A 283 -3.39 -10.74 15.18
CA LEU A 283 -2.14 -11.50 15.16
C LEU A 283 -0.89 -10.62 15.38
N MET A 284 -0.87 -9.43 14.76
CA MET A 284 0.18 -8.45 15.04
C MET A 284 0.19 -8.02 16.49
N LYS A 285 -1.00 -7.75 17.05
CA LYS A 285 -1.11 -7.32 18.45
C LYS A 285 -0.56 -8.39 19.41
N LYS A 286 -0.90 -9.64 19.13
CA LYS A 286 -0.32 -10.77 19.82
C LYS A 286 1.21 -10.79 19.73
N GLU A 287 1.74 -10.63 18.52
CA GLU A 287 3.20 -10.72 18.31
C GLU A 287 3.94 -9.62 19.09
N ASN A 288 3.36 -8.43 19.18
CA ASN A 288 4.09 -7.31 19.74
C ASN A 288 3.62 -6.92 21.15
N ASN A 289 2.67 -7.70 21.69
CA ASN A 289 2.07 -7.48 23.01
CA ASN A 289 2.16 -7.46 23.04
C ASN A 289 1.61 -6.03 23.20
N ASN A 290 1.00 -5.51 22.14
CA ASN A 290 0.46 -4.16 22.07
C ASN A 290 1.46 -3.00 22.23
N ARG A 291 2.74 -3.28 21.98
CA ARG A 291 3.81 -2.29 21.98
C ARG A 291 4.25 -2.03 20.54
N TRP A 292 3.61 -1.05 19.93
CA TRP A 292 3.73 -0.71 18.50
C TRP A 292 4.99 0.08 18.11
N GLY A 293 5.76 0.57 19.09
CA GLY A 293 6.99 1.26 18.76
C GLY A 293 8.12 0.28 18.56
N GLU A 294 7.98 -0.91 19.15
CA GLU A 294 8.98 -1.97 18.98
C GLU A 294 9.07 -2.45 17.52
N TYR A 295 10.17 -3.10 17.17
CA TYR A 295 10.33 -3.70 15.84
C TYR A 295 10.07 -5.20 15.89
N HIS A 296 8.99 -5.58 15.23
CA HIS A 296 8.58 -6.96 15.05
C HIS A 296 8.35 -7.24 13.55
N PRO A 297 9.45 -7.51 12.82
CA PRO A 297 9.32 -7.72 11.37
C PRO A 297 8.54 -8.97 11.01
N TYR A 298 8.22 -9.84 11.98
CA TYR A 298 7.22 -10.90 11.75
C TYR A 298 5.87 -10.42 11.21
N SER A 299 5.46 -9.19 11.53
CA SER A 299 4.26 -8.61 10.96
C SER A 299 4.28 -8.61 9.44
N ASN A 300 5.47 -8.42 8.86
CA ASN A 300 5.59 -8.46 7.41
C ASN A 300 5.31 -9.88 6.90
N VAL A 301 5.79 -10.87 7.63
CA VAL A 301 5.52 -12.28 7.30
C VAL A 301 4.00 -12.55 7.38
N LEU A 302 3.36 -11.99 8.40
CA LEU A 302 1.92 -12.15 8.55
C LEU A 302 1.14 -11.58 7.35
N TRP A 303 1.48 -10.37 6.93
CA TRP A 303 0.82 -9.77 5.75
C TRP A 303 1.09 -10.59 4.45
N LEU A 304 2.33 -11.06 4.28
CA LEU A 304 2.69 -11.93 3.11
C LEU A 304 1.87 -13.25 3.12
N HIS A 305 1.63 -13.81 4.31
CA HIS A 305 0.76 -14.98 4.49
C HIS A 305 -0.72 -14.67 4.08
N TYR A 306 -1.26 -13.56 4.58
CA TYR A 306 -2.56 -13.06 4.14
C TYR A 306 -2.63 -12.89 2.60
N LEU A 307 -1.58 -12.35 1.96
CA LEU A 307 -1.58 -12.16 0.51
C LEU A 307 -1.51 -13.51 -0.28
N THR A 308 -0.68 -14.40 0.22
CA THR A 308 -0.54 -15.76 -0.31
C THR A 308 -1.93 -16.46 -0.26
N ASP A 309 -2.64 -16.30 0.85
CA ASP A 309 -3.97 -16.84 1.06
C ASP A 309 -4.99 -16.30 0.01
N LYS A 310 -4.94 -15.00 -0.28
CA LYS A 310 -5.76 -14.40 -1.34
C LYS A 310 -5.46 -15.01 -2.70
N MET A 311 -4.18 -15.20 -3.00
CA MET A 311 -3.75 -15.79 -4.27
C MET A 311 -4.29 -17.21 -4.44
N LEU A 312 -4.25 -17.97 -3.36
CA LEU A 312 -4.71 -19.35 -3.33
C LEU A 312 -6.25 -19.51 -3.29
N LYS A 313 -6.96 -18.48 -2.80
CA LYS A 313 -8.38 -18.63 -2.51
C LYS A 313 -9.35 -17.69 -3.21
N GLN A 314 -8.88 -16.56 -3.70
CA GLN A 314 -9.78 -15.51 -4.18
C GLN A 314 -9.38 -15.04 -5.56
N MET A 315 -8.57 -15.85 -6.23
CA MET A 315 -8.08 -15.55 -7.53
C MET A 315 -8.27 -16.65 -8.58
N THR A 316 -8.49 -16.20 -9.82
CA THR A 316 -8.54 -17.06 -10.98
C THR A 316 -7.64 -16.48 -12.06
N PHE A 317 -6.92 -17.36 -12.75
CA PHE A 317 -5.85 -16.97 -13.67
C PHE A 317 -6.29 -17.11 -15.11
N LYS A 318 -5.77 -16.27 -16.00
CA LYS A 318 -6.26 -16.25 -17.37
C LYS A 318 -5.93 -17.58 -18.07
N THR A 319 -4.76 -18.15 -17.75
CA THR A 319 -4.34 -19.42 -18.32
C THR A 319 -4.64 -20.59 -17.38
N LYS A 320 -5.46 -20.34 -16.36
CA LYS A 320 -5.90 -21.37 -15.42
C LYS A 320 -4.68 -22.04 -14.76
N CYS A 321 -4.61 -23.36 -14.76
CA CYS A 321 -3.48 -24.05 -14.14
C CYS A 321 -3.41 -25.45 -14.79
N ASN A 322 -2.89 -25.49 -16.02
CA ASN A 322 -3.16 -26.56 -16.98
C ASN A 322 -1.94 -27.31 -17.45
N THR A 323 -0.77 -27.00 -16.95
CA THR A 323 0.40 -27.72 -17.40
C THR A 323 1.14 -28.24 -16.17
N PRO A 324 2.04 -29.23 -16.35
CA PRO A 324 2.78 -29.71 -15.19
C PRO A 324 3.55 -28.59 -14.49
N ALA A 325 4.18 -27.68 -15.25
CA ALA A 325 4.94 -26.59 -14.67
C ALA A 325 4.06 -25.68 -13.80
N MET A 326 2.89 -25.32 -14.31
CA MET A 326 2.01 -24.40 -13.57
C MET A 326 1.42 -25.06 -12.35
N LYS A 327 1.04 -26.33 -12.48
CA LYS A 327 0.54 -27.13 -11.34
C LYS A 327 1.58 -27.23 -10.25
N GLN A 328 2.86 -27.38 -10.61
CA GLN A 328 3.90 -27.46 -9.59
C GLN A 328 4.11 -26.11 -8.88
N ILE A 329 4.08 -24.98 -9.62
CA ILE A 329 4.12 -23.67 -8.97
C ILE A 329 2.96 -23.54 -7.96
N LYS A 330 1.75 -23.93 -8.33
CA LYS A 330 0.62 -23.87 -7.39
C LYS A 330 0.92 -24.70 -6.12
N ARG A 331 1.46 -25.89 -6.30
CA ARG A 331 1.79 -26.71 -5.12
C ARG A 331 2.88 -26.01 -4.27
N LYS A 332 3.83 -25.36 -4.95
CA LYS A 332 4.87 -24.59 -4.28
C LYS A 332 4.36 -23.40 -3.50
N ILE A 333 3.40 -22.69 -4.07
CA ILE A 333 2.78 -21.55 -3.37
C ILE A 333 1.94 -22.05 -2.17
N GLN A 334 1.24 -23.19 -2.35
CA GLN A 334 0.57 -23.87 -1.22
C GLN A 334 1.52 -24.26 -0.09
N GLU A 335 2.64 -24.85 -0.45
CA GLU A 335 3.69 -25.17 0.54
C GLU A 335 4.27 -23.91 1.24
N PHE A 336 4.47 -22.83 0.49
CA PHE A 336 4.87 -21.52 1.02
C PHE A 336 3.84 -21.05 2.06
N HIS A 337 2.56 -21.09 1.69
CA HIS A 337 1.45 -20.73 2.61
C HIS A 337 1.55 -21.48 3.94
N ARG A 338 1.82 -22.80 3.83
CA ARG A 338 1.86 -23.72 4.97
C ARG A 338 3.20 -23.68 5.76
N THR A 339 4.23 -23.01 5.27
CA THR A 339 5.56 -23.03 5.93
C THR A 339 6.11 -21.63 6.34
N MET A 340 5.67 -20.59 5.64
CA MET A 340 6.23 -19.25 5.77
C MET A 340 6.05 -18.66 7.18
N LEU A 341 5.01 -19.09 7.90
CA LEU A 341 4.84 -18.62 9.27
C LEU A 341 5.94 -19.10 10.21
N ASN A 342 6.76 -20.05 9.76
CA ASN A 342 7.97 -20.45 10.52
C ASN A 342 9.28 -19.72 10.16
N PHE A 343 9.13 -18.52 9.57
CA PHE A 343 10.21 -17.65 9.23
C PHE A 343 9.99 -16.31 9.96
N SER A 344 11.10 -15.62 10.26
CA SER A 344 11.13 -14.53 11.26
C SER A 344 10.86 -13.13 10.69
N SER A 345 10.96 -12.99 9.36
CA SER A 345 10.94 -11.68 8.69
C SER A 345 10.81 -11.85 7.18
N ALA A 346 10.47 -10.79 6.46
CA ALA A 346 10.59 -10.82 5.00
C ALA A 346 12.03 -11.19 4.56
N THR A 347 13.04 -10.69 5.29
CA THR A 347 14.41 -10.94 4.94
C THR A 347 14.71 -12.47 5.03
N ASP A 348 14.29 -13.09 6.13
CA ASP A 348 14.43 -14.53 6.40
C ASP A 348 13.74 -15.31 5.29
N LEU A 349 12.50 -14.95 4.94
CA LEU A 349 11.83 -15.60 3.80
C LEU A 349 12.62 -15.51 2.49
N LEU A 350 13.09 -14.30 2.18
CA LEU A 350 13.76 -14.04 0.91
C LEU A 350 15.00 -14.87 0.81
N CYS A 351 15.74 -14.90 1.91
CA CYS A 351 17.09 -15.43 1.94
C CYS A 351 17.11 -16.95 2.15
N GLN A 352 16.04 -17.51 2.72
CA GLN A 352 16.02 -18.92 3.13
C GLN A 352 14.89 -19.78 2.55
N HIS A 353 13.79 -19.18 2.12
CA HIS A 353 12.68 -20.02 1.69
C HIS A 353 12.97 -20.61 0.32
N SER A 354 12.64 -21.88 0.15
CA SER A 354 12.84 -22.57 -1.13
C SER A 354 12.10 -21.95 -2.35
N LEU A 355 10.95 -21.33 -2.12
CA LEU A 355 10.18 -20.71 -3.22
C LEU A 355 11.01 -19.71 -4.05
N PHE A 356 12.03 -19.08 -3.43
CA PHE A 356 12.78 -17.99 -4.05
C PHE A 356 14.22 -18.37 -4.44
N LYS A 357 14.50 -19.67 -4.53
CA LYS A 357 15.84 -20.12 -4.91
C LYS A 357 15.86 -20.35 -6.42
#